data_9M0S
#
_entry.id   9M0S
#
_cell.length_a   1.00
_cell.length_b   1.00
_cell.length_c   1.00
_cell.angle_alpha   90.00
_cell.angle_beta   90.00
_cell.angle_gamma   90.00
#
_symmetry.space_group_name_H-M   'P 1'
#
loop_
_entity.id
_entity.type
_entity.pdbx_description
1 polymer 'Acetyl-coenzyme A transporter 1'
2 non-polymer 'ACETYL COENZYME *A'
#
_entity_poly.entity_id   1
_entity_poly.type   'polypeptide(L)'
_entity_poly.pdbx_seq_one_letter_code
;MSPTISHKDSSRQRRPGNFSHSLDMKSGPLPPGGWDDSHLDSAGREGDREALLGDTGTGDFLKAPQSFRAELSSILLLLF
LYVLQGIPLGLAGSIPLILQSKNVSYTDQAFFSFVFWPFSLKLLWAPLVDAVYVKNFGRRKSWLVPTQYILGLFMIYLST
QVDRLLGNTDDRTPDVIALTVAFFLFEFLAATQDIAVDGWALTMLSRENVGYASTCNSVGQTAGYFLGNVLFLALESADF
CNKYLRFQPQPRGIVTLSDFLFFWGTVFLITTTLVALLKKENEVSVVKEETQGITDTYKLLFAIIKMPAVLTFCLLILTA
KIGFSAADAVTGLKLVEEGVPKEHLALLAVPMVPLQIILPLIISKYTAGPQPLNTFYKAMPYRLLLGLEYALLVWWTPKV
EHQGGFPIYYYIVVLLSYALHQVTVYSMYVSIMAFNAKVSDPLIGGTYMTLLNTVSNLGGNWPSTVALWLVDPLTVKECV
GASNQNCRTPDAVELCKKLGGSCVTALDGYYVESIICVFIGFGWWFFLGPKFKKLQDEGSSSWKCKRNNLEGGSLEVLFQ
;
_entity_poly.pdbx_strand_id   A
#
# COMPACT_ATOMS: atom_id res chain seq x y z
N GLU A 71 12.52 1.87 -28.01
CA GLU A 71 12.64 0.70 -27.16
C GLU A 71 11.30 0.32 -26.54
N LEU A 72 10.27 0.23 -27.39
CA LEU A 72 8.95 -0.16 -26.93
C LEU A 72 8.89 -1.64 -26.57
N SER A 73 9.76 -2.46 -27.17
CA SER A 73 9.73 -3.90 -26.92
C SER A 73 10.20 -4.27 -25.52
N SER A 74 10.86 -3.36 -24.81
CA SER A 74 11.29 -3.60 -23.44
C SER A 74 10.48 -2.85 -22.40
N ILE A 75 9.99 -1.65 -22.71
CA ILE A 75 9.26 -0.87 -21.72
C ILE A 75 7.86 -1.44 -21.50
N LEU A 76 7.30 -2.15 -22.48
CA LEU A 76 6.03 -2.85 -22.25
C LEU A 76 6.24 -4.06 -21.36
N LEU A 77 7.37 -4.75 -21.51
CA LEU A 77 7.72 -5.85 -20.61
C LEU A 77 7.95 -5.35 -19.20
N LEU A 78 8.56 -4.17 -19.07
CA LEU A 78 8.78 -3.59 -17.75
C LEU A 78 7.46 -3.11 -17.13
N LEU A 79 6.55 -2.61 -17.96
CA LEU A 79 5.21 -2.27 -17.50
C LEU A 79 4.46 -3.52 -17.02
N PHE A 80 4.61 -4.61 -17.75
CA PHE A 80 3.95 -5.86 -17.35
C PHE A 80 4.55 -6.42 -16.07
N LEU A 81 5.87 -6.26 -15.89
CA LEU A 81 6.49 -6.70 -14.64
C LEU A 81 6.10 -5.80 -13.47
N TYR A 82 5.78 -4.53 -13.71
CA TYR A 82 5.25 -3.76 -12.59
C TYR A 82 3.77 -3.98 -12.34
N VAL A 83 3.00 -4.40 -13.33
CA VAL A 83 1.64 -4.87 -13.06
C VAL A 83 1.68 -6.15 -12.23
N LEU A 84 2.60 -7.05 -12.57
CA LEU A 84 2.79 -8.25 -11.75
C LEU A 84 3.46 -7.94 -10.43
N GLN A 85 4.11 -6.78 -10.31
CA GLN A 85 4.49 -6.28 -8.99
C GLN A 85 3.28 -5.87 -8.18
N GLY A 86 2.33 -5.18 -8.83
CA GLY A 86 1.17 -4.67 -8.12
C GLY A 86 0.13 -5.72 -7.76
N ILE A 87 0.15 -6.89 -8.41
CA ILE A 87 -0.81 -7.95 -8.07
C ILE A 87 -0.67 -8.46 -6.63
N PRO A 88 0.54 -8.77 -6.11
CA PRO A 88 0.61 -9.10 -4.66
C PRO A 88 0.25 -7.96 -3.73
N LEU A 89 0.59 -6.72 -4.08
CA LEU A 89 0.18 -5.59 -3.25
C LEU A 89 -1.33 -5.40 -3.27
N GLY A 90 -1.95 -5.60 -4.42
CA GLY A 90 -3.40 -5.51 -4.50
C GLY A 90 -4.10 -6.59 -3.70
N LEU A 91 -3.58 -7.82 -3.75
CA LEU A 91 -4.14 -8.89 -2.94
C LEU A 91 -3.91 -8.65 -1.45
N ALA A 92 -2.73 -8.17 -1.08
CA ALA A 92 -2.43 -7.92 0.33
C ALA A 92 -3.24 -6.75 0.87
N GLY A 93 -3.63 -5.81 0.01
CA GLY A 93 -4.58 -4.80 0.44
C GLY A 93 -6.02 -5.25 0.41
N SER A 94 -6.33 -6.29 -0.37
CA SER A 94 -7.69 -6.82 -0.41
C SER A 94 -8.01 -7.71 0.79
N ILE A 95 -7.00 -8.39 1.34
CA ILE A 95 -7.26 -9.34 2.45
C ILE A 95 -7.83 -8.71 3.72
N PRO A 96 -7.41 -7.50 4.18
CA PRO A 96 -8.10 -6.92 5.36
C PRO A 96 -9.58 -6.65 5.17
N LEU A 97 -9.99 -6.28 3.96
CA LEU A 97 -11.41 -6.08 3.68
C LEU A 97 -12.17 -7.40 3.74
N ILE A 98 -11.55 -8.48 3.23
CA ILE A 98 -12.18 -9.79 3.25
C ILE A 98 -12.28 -10.33 4.68
N LEU A 99 -11.19 -10.20 5.43
CA LEU A 99 -11.18 -10.68 6.81
C LEU A 99 -12.14 -9.89 7.68
N GLN A 100 -12.33 -8.60 7.40
CA GLN A 100 -13.34 -7.87 8.16
C GLN A 100 -14.74 -8.21 7.70
N SER A 101 -14.89 -8.62 6.43
CA SER A 101 -16.18 -9.16 6.00
C SER A 101 -16.48 -10.52 6.64
N LYS A 102 -15.45 -11.24 7.10
CA LYS A 102 -15.64 -12.50 7.81
C LYS A 102 -15.77 -12.32 9.32
N ASN A 103 -15.85 -11.07 9.80
CA ASN A 103 -16.06 -10.71 11.20
C ASN A 103 -14.98 -11.27 12.11
N VAL A 104 -13.75 -10.80 11.89
CA VAL A 104 -12.61 -11.17 12.73
C VAL A 104 -12.31 -9.99 13.65
N SER A 105 -11.73 -10.30 14.82
CA SER A 105 -11.37 -9.25 15.76
C SER A 105 -10.15 -8.48 15.26
N TYR A 106 -9.87 -7.37 15.92
CA TYR A 106 -8.84 -6.44 15.47
C TYR A 106 -7.45 -6.76 16.00
N THR A 107 -7.32 -7.60 17.03
CA THR A 107 -5.99 -8.08 17.39
C THR A 107 -5.45 -9.02 16.32
N ASP A 108 -6.33 -9.87 15.76
CA ASP A 108 -5.97 -10.68 14.61
C ASP A 108 -5.69 -9.82 13.39
N GLN A 109 -6.41 -8.71 13.25
CA GLN A 109 -6.17 -7.80 12.13
C GLN A 109 -4.83 -7.09 12.25
N ALA A 110 -4.48 -6.66 13.46
CA ALA A 110 -3.17 -6.04 13.67
C ALA A 110 -2.05 -7.04 13.52
N PHE A 111 -2.28 -8.31 13.87
CA PHE A 111 -1.28 -9.32 13.59
C PHE A 111 -1.16 -9.58 12.09
N PHE A 112 -2.26 -9.41 11.34
CA PHE A 112 -2.15 -9.50 9.89
C PHE A 112 -1.41 -8.29 9.31
N SER A 113 -1.54 -7.12 9.92
CA SER A 113 -1.04 -5.88 9.33
C SER A 113 0.49 -5.79 9.23
N PHE A 114 1.23 -6.83 9.63
CA PHE A 114 2.66 -6.91 9.33
C PHE A 114 2.95 -7.18 7.86
N VAL A 115 1.94 -7.57 7.07
CA VAL A 115 2.14 -7.85 5.66
C VAL A 115 2.50 -6.58 4.90
N PHE A 116 2.01 -5.43 5.33
CA PHE A 116 2.32 -4.19 4.64
C PHE A 116 3.71 -3.65 4.94
N TRP A 117 4.46 -4.27 5.86
CA TRP A 117 5.80 -3.80 6.18
C TRP A 117 6.96 -4.19 5.24
N PRO A 118 7.03 -5.38 4.63
CA PRO A 118 8.17 -5.65 3.73
C PRO A 118 8.27 -4.76 2.50
N PHE A 119 7.14 -4.33 1.92
CA PHE A 119 7.24 -3.41 0.80
C PHE A 119 7.74 -2.04 1.23
N SER A 120 7.48 -1.67 2.49
CA SER A 120 8.09 -0.46 3.04
C SER A 120 9.58 -0.66 3.27
N LEU A 121 9.95 -1.79 3.88
CA LEU A 121 11.30 -2.02 4.38
C LEU A 121 12.15 -2.86 3.43
N LYS A 122 11.84 -2.83 2.12
CA LYS A 122 12.63 -3.55 1.14
C LYS A 122 14.10 -3.12 1.07
N LEU A 123 14.45 -1.91 1.52
CA LEU A 123 15.85 -1.50 1.51
C LEU A 123 16.70 -2.29 2.50
N LEU A 124 16.09 -2.87 3.55
CA LEU A 124 16.85 -3.63 4.52
C LEU A 124 17.40 -4.94 3.96
N TRP A 125 16.95 -5.39 2.79
CA TRP A 125 17.58 -6.48 2.08
C TRP A 125 17.87 -6.15 0.62
N ALA A 126 17.68 -4.90 0.21
CA ALA A 126 18.07 -4.50 -1.14
C ALA A 126 19.57 -4.64 -1.47
N PRO A 127 20.54 -4.30 -0.60
CA PRO A 127 21.93 -4.63 -0.97
C PRO A 127 22.24 -6.11 -0.91
N LEU A 128 21.51 -6.88 -0.10
CA LEU A 128 21.69 -8.32 -0.06
C LEU A 128 21.24 -8.97 -1.37
N VAL A 129 20.28 -8.36 -2.05
CA VAL A 129 19.77 -8.92 -3.31
C VAL A 129 20.38 -8.24 -4.53
N ASP A 130 21.02 -7.08 -4.37
CA ASP A 130 21.75 -6.43 -5.46
C ASP A 130 23.24 -6.68 -5.39
N ALA A 131 23.73 -7.36 -4.37
CA ALA A 131 25.16 -7.64 -4.25
C ALA A 131 25.55 -8.98 -4.85
N VAL A 132 24.63 -9.92 -4.95
CA VAL A 132 24.94 -11.26 -5.45
C VAL A 132 24.14 -11.52 -6.72
N TYR A 133 24.76 -12.28 -7.63
CA TYR A 133 24.16 -12.68 -8.89
C TYR A 133 24.93 -13.88 -9.40
N VAL A 134 24.45 -14.46 -10.49
CA VAL A 134 25.05 -15.67 -11.03
C VAL A 134 25.88 -15.33 -12.26
N LYS A 135 26.84 -16.21 -12.56
CA LYS A 135 27.81 -15.97 -13.62
C LYS A 135 27.20 -16.19 -14.99
N ASN A 136 27.62 -15.36 -15.96
CA ASN A 136 27.21 -15.43 -17.37
C ASN A 136 25.70 -15.27 -17.51
N PHE A 137 25.14 -14.30 -16.79
CA PHE A 137 23.71 -14.06 -16.76
C PHE A 137 23.52 -12.62 -16.28
N GLY A 138 22.28 -12.15 -16.34
CA GLY A 138 21.99 -10.78 -15.95
C GLY A 138 22.17 -10.58 -14.45
N ARG A 139 22.68 -9.40 -14.09
CA ARG A 139 22.94 -9.08 -12.69
C ARG A 139 21.65 -8.93 -11.90
N ARG A 140 20.63 -8.34 -12.52
CA ARG A 140 19.33 -8.21 -11.87
C ARG A 140 18.31 -9.24 -12.37
N LYS A 141 18.57 -9.88 -13.51
CA LYS A 141 17.76 -11.04 -13.89
C LYS A 141 18.05 -12.25 -13.02
N SER A 142 19.20 -12.28 -12.35
CA SER A 142 19.53 -13.38 -11.44
C SER A 142 18.66 -13.39 -10.20
N TRP A 143 18.04 -12.28 -9.85
CA TRP A 143 17.04 -12.25 -8.78
C TRP A 143 15.68 -11.81 -9.29
N LEU A 144 15.51 -11.66 -10.60
CA LEU A 144 14.17 -11.48 -11.14
C LEU A 144 13.47 -12.82 -11.30
N VAL A 145 14.01 -13.70 -12.14
CA VAL A 145 13.33 -14.96 -12.45
C VAL A 145 13.26 -15.98 -11.31
N PRO A 146 14.21 -16.12 -10.36
CA PRO A 146 13.93 -17.07 -9.27
C PRO A 146 12.90 -16.53 -8.29
N THR A 147 12.91 -15.22 -8.04
CA THR A 147 11.87 -14.62 -7.20
C THR A 147 10.50 -14.75 -7.86
N GLN A 148 10.44 -14.57 -9.18
CA GLN A 148 9.18 -14.73 -9.91
C GLN A 148 8.70 -16.18 -9.89
N TYR A 149 9.60 -17.16 -10.06
CA TYR A 149 9.18 -18.57 -9.99
C TYR A 149 8.72 -18.95 -8.59
N ILE A 150 9.45 -18.53 -7.56
CA ILE A 150 9.07 -18.84 -6.18
C ILE A 150 7.75 -18.17 -5.83
N LEU A 151 7.54 -16.94 -6.30
CA LEU A 151 6.30 -16.23 -6.01
C LEU A 151 5.12 -16.87 -6.74
N GLY A 152 5.33 -17.32 -7.97
CA GLY A 152 4.24 -17.96 -8.70
C GLY A 152 3.88 -19.33 -8.16
N LEU A 153 4.89 -20.14 -7.83
CA LEU A 153 4.63 -21.44 -7.22
C LEU A 153 4.01 -21.29 -5.84
N PHE A 154 4.39 -20.24 -5.11
CA PHE A 154 3.76 -19.94 -3.84
C PHE A 154 2.32 -19.49 -4.01
N MET A 155 2.01 -18.81 -5.13
CA MET A 155 0.61 -18.48 -5.40
C MET A 155 -0.21 -19.71 -5.76
N ILE A 156 0.41 -20.69 -6.44
CA ILE A 156 -0.29 -21.95 -6.70
C ILE A 156 -0.61 -22.67 -5.40
N TYR A 157 0.38 -22.74 -4.50
CA TYR A 157 0.14 -23.38 -3.20
C TYR A 157 -0.84 -22.60 -2.34
N LEU A 158 -0.82 -21.27 -2.43
CA LEU A 158 -1.74 -20.46 -1.65
C LEU A 158 -3.15 -20.53 -2.22
N SER A 159 -3.29 -20.70 -3.53
CA SER A 159 -4.60 -20.94 -4.11
C SER A 159 -5.14 -22.30 -3.73
N THR A 160 -4.25 -23.28 -3.53
CA THR A 160 -4.70 -24.56 -3.00
C THR A 160 -5.17 -24.45 -1.55
N GLN A 161 -4.43 -23.72 -0.72
CA GLN A 161 -4.67 -23.75 0.72
C GLN A 161 -5.60 -22.63 1.20
N VAL A 162 -5.96 -21.68 0.33
CA VAL A 162 -6.77 -20.55 0.77
C VAL A 162 -8.24 -20.91 0.88
N ASP A 163 -8.64 -22.11 0.46
CA ASP A 163 -9.98 -22.59 0.74
C ASP A 163 -10.19 -22.82 2.23
N ARG A 164 -9.13 -23.19 2.95
CA ARG A 164 -9.22 -23.38 4.39
C ARG A 164 -8.54 -22.29 5.20
N LEU A 165 -7.69 -21.46 4.60
CA LEU A 165 -7.14 -20.34 5.37
C LEU A 165 -8.18 -19.25 5.64
N LEU A 166 -9.02 -18.92 4.66
CA LEU A 166 -10.04 -17.92 4.93
C LEU A 166 -11.20 -18.50 5.73
N GLY A 167 -11.60 -19.71 5.42
CA GLY A 167 -12.70 -20.33 6.14
C GLY A 167 -14.01 -20.30 5.40
N ASN A 168 -13.97 -20.59 4.09
CA ASN A 168 -15.18 -20.67 3.29
C ASN A 168 -15.85 -22.03 3.37
N THR A 169 -15.36 -22.94 4.21
CA THR A 169 -15.91 -24.27 4.37
C THR A 169 -16.51 -24.40 5.77
N ASP A 170 -17.83 -24.54 5.82
CA ASP A 170 -18.60 -24.81 7.05
C ASP A 170 -18.43 -23.73 8.12
N ASP A 171 -18.24 -22.48 7.66
CA ASP A 171 -18.19 -21.27 8.51
C ASP A 171 -17.09 -21.34 9.56
N ARG A 172 -15.94 -21.87 9.19
CA ARG A 172 -14.82 -21.94 10.11
C ARG A 172 -14.17 -20.57 10.28
N THR A 173 -13.42 -20.44 11.36
CA THR A 173 -12.75 -19.18 11.64
C THR A 173 -11.55 -18.98 10.72
N PRO A 174 -11.24 -17.75 10.34
CA PRO A 174 -10.05 -17.50 9.52
C PRO A 174 -8.78 -17.70 10.32
N ASP A 175 -7.99 -18.69 9.92
CA ASP A 175 -6.69 -18.95 10.55
C ASP A 175 -5.75 -17.86 10.05
N VAL A 176 -5.78 -16.72 10.74
CA VAL A 176 -5.13 -15.52 10.24
C VAL A 176 -3.62 -15.58 10.38
N ILE A 177 -3.10 -16.41 11.29
CA ILE A 177 -1.66 -16.46 11.55
C ILE A 177 -0.93 -17.12 10.38
N ALA A 178 -1.49 -18.25 9.89
CA ALA A 178 -0.98 -18.85 8.67
C ALA A 178 -1.21 -17.95 7.48
N LEU A 179 -2.33 -17.22 7.46
CA LEU A 179 -2.57 -16.26 6.39
C LEU A 179 -1.64 -15.05 6.50
N THR A 180 -1.28 -14.66 7.73
CA THR A 180 -0.29 -13.61 7.93
C THR A 180 1.07 -14.03 7.40
N VAL A 181 1.54 -15.23 7.75
CA VAL A 181 2.87 -15.62 7.32
C VAL A 181 2.88 -15.90 5.82
N ALA A 182 1.75 -16.34 5.25
CA ALA A 182 1.65 -16.55 3.82
C ALA A 182 1.74 -15.23 3.07
N PHE A 183 0.87 -14.27 3.40
CA PHE A 183 0.93 -12.98 2.72
C PHE A 183 2.14 -12.15 3.12
N PHE A 184 2.78 -12.45 4.26
CA PHE A 184 4.00 -11.76 4.64
C PHE A 184 5.17 -12.21 3.78
N LEU A 185 5.34 -13.53 3.62
CA LEU A 185 6.38 -14.04 2.73
C LEU A 185 6.06 -13.70 1.29
N PHE A 186 4.78 -13.62 0.96
CA PHE A 186 4.32 -13.25 -0.37
C PHE A 186 4.64 -11.78 -0.69
N GLU A 187 4.45 -10.92 0.29
CA GLU A 187 4.77 -9.52 0.14
C GLU A 187 6.27 -9.41 0.03
N PHE A 188 6.99 -10.13 0.91
CA PHE A 188 8.45 -10.12 0.91
C PHE A 188 9.02 -10.45 -0.46
N LEU A 189 8.46 -11.48 -1.10
CA LEU A 189 8.87 -11.83 -2.45
C LEU A 189 8.49 -10.74 -3.44
N ALA A 190 7.34 -10.09 -3.25
CA ALA A 190 6.96 -8.97 -4.10
C ALA A 190 7.92 -7.79 -3.94
N ALA A 191 8.37 -7.52 -2.72
CA ALA A 191 9.27 -6.39 -2.51
C ALA A 191 10.65 -6.65 -3.09
N THR A 192 11.18 -7.86 -2.91
CA THR A 192 12.48 -8.15 -3.52
C THR A 192 12.40 -8.27 -5.04
N GLN A 193 11.23 -8.61 -5.59
CA GLN A 193 11.08 -8.54 -7.03
C GLN A 193 10.99 -7.10 -7.52
N ASP A 194 10.43 -6.21 -6.70
CA ASP A 194 10.47 -4.78 -7.03
C ASP A 194 11.89 -4.25 -7.03
N ILE A 195 12.73 -4.72 -6.09
CA ILE A 195 14.13 -4.31 -6.08
C ILE A 195 14.84 -4.84 -7.33
N ALA A 196 14.53 -6.08 -7.71
CA ALA A 196 15.15 -6.68 -8.90
C ALA A 196 14.76 -5.93 -10.17
N VAL A 197 13.53 -5.44 -10.26
CA VAL A 197 13.15 -4.70 -11.46
C VAL A 197 13.70 -3.26 -11.41
N ASP A 198 13.69 -2.63 -10.23
CA ASP A 198 14.22 -1.27 -10.11
C ASP A 198 15.73 -1.21 -10.35
N GLY A 199 16.44 -2.30 -10.09
CA GLY A 199 17.80 -2.40 -10.58
C GLY A 199 17.86 -2.80 -12.03
N TRP A 200 16.89 -3.60 -12.49
CA TRP A 200 16.86 -4.07 -13.87
C TRP A 200 16.43 -2.98 -14.84
N ALA A 201 15.75 -1.94 -14.34
CA ALA A 201 15.31 -0.86 -15.21
C ALA A 201 16.46 0.04 -15.64
N LEU A 202 17.52 0.12 -14.84
CA LEU A 202 18.64 1.00 -15.17
C LEU A 202 19.56 0.42 -16.22
N THR A 203 19.50 -0.88 -16.48
CA THR A 203 20.40 -1.54 -17.41
C THR A 203 19.73 -2.11 -18.65
N MET A 204 18.43 -2.41 -18.60
CA MET A 204 17.77 -3.03 -19.75
C MET A 204 17.45 -1.99 -20.82
N LEU A 205 16.87 -0.87 -20.43
CA LEU A 205 16.59 0.22 -21.36
C LEU A 205 17.72 1.25 -21.34
N SER A 206 17.66 2.17 -22.29
CA SER A 206 18.74 3.12 -22.51
C SER A 206 18.73 4.23 -21.46
N ARG A 207 19.83 4.99 -21.42
CA ARG A 207 19.95 6.10 -20.49
C ARG A 207 19.03 7.26 -20.86
N GLU A 208 18.65 7.39 -22.13
CA GLU A 208 17.78 8.47 -22.56
C GLU A 208 16.36 8.31 -22.01
N ASN A 209 15.93 7.07 -21.78
CA ASN A 209 14.57 6.78 -21.29
C ASN A 209 14.57 6.42 -19.81
N VAL A 210 15.42 7.04 -18.99
CA VAL A 210 15.53 6.64 -17.60
C VAL A 210 14.35 7.16 -16.76
N GLY A 211 13.79 8.32 -17.12
CA GLY A 211 12.60 8.79 -16.42
C GLY A 211 11.34 8.08 -16.85
N TYR A 212 11.33 7.54 -18.07
CA TYR A 212 10.22 6.72 -18.52
C TYR A 212 10.13 5.43 -17.72
N ALA A 213 11.26 4.91 -17.23
CA ALA A 213 11.23 3.76 -16.33
C ALA A 213 10.61 4.12 -14.99
N SER A 214 10.81 5.35 -14.51
CA SER A 214 10.25 5.76 -13.23
C SER A 214 8.74 5.97 -13.34
N THR A 215 8.29 6.69 -14.38
CA THR A 215 6.85 6.84 -14.55
C THR A 215 6.18 5.54 -14.98
N CYS A 216 6.93 4.61 -15.56
CA CYS A 216 6.40 3.29 -15.88
C CYS A 216 6.26 2.44 -14.63
N ASN A 217 7.21 2.56 -13.70
CA ASN A 217 7.06 2.01 -12.35
C ASN A 217 5.80 2.54 -11.68
N SER A 218 5.56 3.85 -11.80
CA SER A 218 4.38 4.45 -11.16
C SER A 218 3.08 3.91 -11.77
N VAL A 219 2.98 3.94 -13.10
CA VAL A 219 1.72 3.52 -13.74
C VAL A 219 1.54 2.00 -13.65
N GLY A 220 2.62 1.23 -13.64
CA GLY A 220 2.49 -0.21 -13.55
C GLY A 220 2.17 -0.67 -12.15
N GLN A 221 2.78 -0.04 -11.14
CA GLN A 221 2.43 -0.31 -9.75
C GLN A 221 0.98 0.05 -9.47
N THR A 222 0.51 1.20 -9.98
CA THR A 222 -0.86 1.60 -9.73
C THR A 222 -1.85 0.74 -10.50
N ALA A 223 -1.50 0.31 -11.71
CA ALA A 223 -2.41 -0.53 -12.49
C ALA A 223 -2.45 -1.95 -11.96
N GLY A 224 -1.32 -2.48 -11.51
CA GLY A 224 -1.32 -3.82 -10.94
C GLY A 224 -1.95 -3.85 -9.56
N TYR A 225 -1.81 -2.77 -8.79
CA TYR A 225 -2.54 -2.67 -7.54
C TYR A 225 -4.03 -2.50 -7.80
N PHE A 226 -4.39 -1.90 -8.93
CA PHE A 226 -5.80 -1.80 -9.32
C PHE A 226 -6.37 -3.16 -9.68
N LEU A 227 -5.59 -4.01 -10.34
CA LEU A 227 -6.10 -5.31 -10.74
C LEU A 227 -6.15 -6.30 -9.59
N GLY A 228 -5.55 -6.00 -8.45
CA GLY A 228 -5.54 -6.91 -7.33
C GLY A 228 -6.37 -6.47 -6.16
N ASN A 229 -6.53 -5.16 -5.97
CA ASN A 229 -7.33 -4.62 -4.88
C ASN A 229 -8.75 -4.29 -5.33
N VAL A 230 -8.93 -3.72 -6.51
CA VAL A 230 -10.23 -3.24 -6.95
C VAL A 230 -10.90 -4.24 -7.88
N LEU A 231 -10.16 -4.77 -8.86
CA LEU A 231 -10.75 -5.72 -9.80
C LEU A 231 -11.08 -7.03 -9.13
N PHE A 232 -10.22 -7.49 -8.23
CA PHE A 232 -10.47 -8.74 -7.52
C PHE A 232 -11.67 -8.64 -6.59
N LEU A 233 -11.79 -7.53 -5.85
CA LEU A 233 -12.96 -7.39 -4.99
C LEU A 233 -14.22 -7.14 -5.80
N ALA A 234 -14.13 -6.40 -6.91
CA ALA A 234 -15.27 -6.21 -7.79
C ALA A 234 -15.70 -7.50 -8.48
N LEU A 235 -14.79 -8.46 -8.64
CA LEU A 235 -15.13 -9.74 -9.23
C LEU A 235 -15.16 -10.87 -8.20
N GLU A 236 -15.20 -10.54 -6.91
CA GLU A 236 -15.13 -11.54 -5.86
C GLU A 236 -16.50 -11.90 -5.28
N SER A 237 -17.42 -10.96 -5.20
CA SER A 237 -18.68 -11.21 -4.53
C SER A 237 -19.79 -11.57 -5.51
N ALA A 238 -20.87 -12.12 -4.96
CA ALA A 238 -22.06 -12.38 -5.75
C ALA A 238 -22.94 -11.14 -5.87
N ASP A 239 -22.86 -10.20 -4.92
CA ASP A 239 -23.77 -9.06 -4.92
C ASP A 239 -23.47 -8.10 -6.07
N PHE A 240 -22.21 -7.66 -6.18
CA PHE A 240 -21.86 -6.75 -7.27
C PHE A 240 -21.86 -7.47 -8.61
N CYS A 241 -21.46 -8.74 -8.64
CA CYS A 241 -21.45 -9.48 -9.89
C CYS A 241 -22.82 -9.97 -10.31
N ASN A 242 -23.85 -9.82 -9.48
CA ASN A 242 -25.20 -10.06 -9.93
C ASN A 242 -26.00 -8.78 -10.12
N LYS A 243 -25.55 -7.66 -9.57
CA LYS A 243 -26.11 -6.38 -9.99
C LYS A 243 -25.57 -5.98 -11.36
N TYR A 244 -24.25 -6.02 -11.53
CA TYR A 244 -23.59 -5.63 -12.77
C TYR A 244 -22.83 -6.81 -13.35
N LEU A 245 -22.27 -6.60 -14.54
CA LEU A 245 -21.29 -7.47 -15.21
C LEU A 245 -21.81 -8.87 -15.55
N ARG A 246 -23.12 -9.10 -15.52
CA ARG A 246 -23.64 -10.43 -15.74
C ARG A 246 -25.11 -10.38 -16.13
N PHE A 247 -25.47 -11.15 -17.16
CA PHE A 247 -26.85 -11.50 -17.45
C PHE A 247 -27.08 -12.94 -16.99
N GLN A 248 -28.34 -13.24 -16.62
CA GLN A 248 -28.76 -14.47 -15.94
C GLN A 248 -27.93 -14.70 -14.68
N PRO A 249 -28.24 -14.00 -13.59
CA PRO A 249 -27.34 -13.99 -12.42
C PRO A 249 -27.25 -15.34 -11.71
N GLN A 250 -26.06 -15.62 -11.20
CA GLN A 250 -25.72 -16.87 -10.52
C GLN A 250 -24.83 -16.54 -9.33
N PRO A 251 -24.82 -17.38 -8.28
CA PRO A 251 -24.03 -17.05 -7.08
C PRO A 251 -22.52 -17.17 -7.24
N ARG A 252 -21.81 -17.05 -6.11
CA ARG A 252 -20.37 -17.22 -5.89
C ARG A 252 -19.48 -16.34 -6.80
N GLY A 253 -20.03 -15.31 -7.43
CA GLY A 253 -19.23 -14.31 -8.10
C GLY A 253 -18.54 -14.80 -9.37
N ILE A 254 -17.75 -13.89 -9.97
CA ILE A 254 -16.97 -14.25 -11.14
C ILE A 254 -15.79 -15.14 -10.74
N VAL A 255 -14.91 -14.63 -9.89
CA VAL A 255 -13.72 -15.36 -9.46
C VAL A 255 -13.64 -15.34 -7.95
N THR A 256 -13.28 -16.48 -7.38
CA THR A 256 -12.96 -16.56 -5.96
C THR A 256 -11.49 -16.16 -5.78
N LEU A 257 -11.03 -16.16 -4.53
CA LEU A 257 -9.61 -15.89 -4.30
C LEU A 257 -8.75 -17.07 -4.75
N SER A 258 -9.28 -18.28 -4.71
CA SER A 258 -8.53 -19.44 -5.18
C SER A 258 -8.31 -19.37 -6.69
N ASP A 259 -9.37 -19.03 -7.44
CA ASP A 259 -9.25 -18.96 -8.90
C ASP A 259 -8.39 -17.76 -9.31
N PHE A 260 -8.50 -16.64 -8.60
CA PHE A 260 -7.71 -15.45 -8.91
C PHE A 260 -6.23 -15.69 -8.64
N LEU A 261 -5.91 -16.28 -7.49
CA LEU A 261 -4.52 -16.62 -7.18
C LEU A 261 -3.97 -17.65 -8.14
N PHE A 262 -4.78 -18.63 -8.55
CA PHE A 262 -4.29 -19.65 -9.47
C PHE A 262 -4.03 -19.07 -10.86
N PHE A 263 -4.91 -18.18 -11.31
CA PHE A 263 -4.72 -17.57 -12.62
C PHE A 263 -3.51 -16.64 -12.64
N TRP A 264 -3.36 -15.79 -11.62
CA TRP A 264 -2.18 -14.94 -11.63
C TRP A 264 -0.91 -15.70 -11.32
N GLY A 265 -1.00 -16.85 -10.64
CA GLY A 265 0.18 -17.69 -10.52
C GLY A 265 0.60 -18.31 -11.83
N THR A 266 -0.38 -18.73 -12.64
CA THR A 266 -0.08 -19.22 -13.98
C THR A 266 0.50 -18.11 -14.85
N VAL A 267 -0.01 -16.89 -14.71
CA VAL A 267 0.53 -15.74 -15.43
C VAL A 267 1.97 -15.45 -15.00
N PHE A 268 2.26 -15.56 -13.69
CA PHE A 268 3.62 -15.44 -13.19
C PHE A 268 4.55 -16.48 -13.79
N LEU A 269 4.14 -17.76 -13.80
CA LEU A 269 4.99 -18.81 -14.35
C LEU A 269 5.25 -18.62 -15.84
N ILE A 270 4.22 -18.24 -16.61
CA ILE A 270 4.44 -18.13 -18.05
C ILE A 270 5.25 -16.87 -18.39
N THR A 271 5.03 -15.75 -17.68
CA THR A 271 5.84 -14.58 -17.99
C THR A 271 7.25 -14.72 -17.45
N THR A 272 7.45 -15.58 -16.44
CA THR A 272 8.80 -15.84 -15.94
C THR A 272 9.57 -16.71 -16.91
N THR A 273 8.94 -17.75 -17.45
CA THR A 273 9.60 -18.60 -18.44
C THR A 273 9.89 -17.81 -19.71
N LEU A 274 8.98 -16.92 -20.12
CA LEU A 274 9.23 -16.11 -21.30
C LEU A 274 10.35 -15.07 -21.06
N VAL A 275 10.38 -14.43 -19.89
CA VAL A 275 11.42 -13.44 -19.65
C VAL A 275 12.77 -14.10 -19.34
N ALA A 276 12.77 -15.39 -18.97
CA ALA A 276 14.03 -16.09 -18.79
C ALA A 276 14.56 -16.66 -20.09
N LEU A 277 13.69 -17.08 -21.01
CA LEU A 277 14.14 -17.66 -22.26
C LEU A 277 14.19 -16.66 -23.41
N LEU A 278 13.73 -15.43 -23.22
CA LEU A 278 13.82 -14.43 -24.28
C LEU A 278 14.42 -13.14 -23.75
N ILE A 294 26.89 -8.23 0.97
CA ILE A 294 28.02 -7.39 1.30
C ILE A 294 27.62 -6.48 2.47
N THR A 295 28.59 -6.04 3.27
CA THR A 295 28.32 -5.30 4.49
C THR A 295 28.70 -3.83 4.41
N ASP A 296 29.38 -3.39 3.36
CA ASP A 296 29.77 -1.99 3.27
C ASP A 296 28.57 -1.08 3.06
N THR A 297 27.55 -1.55 2.35
CA THR A 297 26.33 -0.77 2.17
C THR A 297 25.56 -0.64 3.49
N TYR A 298 25.54 -1.69 4.30
CA TYR A 298 24.93 -1.59 5.62
C TYR A 298 25.73 -0.71 6.56
N LYS A 299 27.07 -0.71 6.44
CA LYS A 299 27.87 0.23 7.21
C LYS A 299 27.62 1.67 6.77
N LEU A 300 27.38 1.86 5.47
CA LEU A 300 27.01 3.18 4.96
C LEU A 300 25.66 3.62 5.50
N LEU A 301 24.69 2.72 5.55
CA LEU A 301 23.37 3.03 6.10
C LEU A 301 23.45 3.31 7.60
N PHE A 302 24.32 2.62 8.32
CA PHE A 302 24.53 2.90 9.74
C PHE A 302 25.17 4.27 9.93
N ALA A 303 26.10 4.65 9.05
CA ALA A 303 26.68 5.99 9.11
C ALA A 303 25.66 7.07 8.81
N ILE A 304 24.78 6.81 7.84
CA ILE A 304 23.72 7.77 7.50
C ILE A 304 22.76 7.93 8.67
N ILE A 305 22.27 6.83 9.24
CA ILE A 305 21.35 6.95 10.37
C ILE A 305 22.07 7.45 11.63
N LYS A 306 23.40 7.40 11.66
CA LYS A 306 24.17 8.06 12.70
C LYS A 306 24.25 9.57 12.48
N MET A 307 24.19 10.02 11.22
CA MET A 307 24.23 11.47 10.93
C MET A 307 23.04 12.20 11.54
N PRO A 308 23.25 13.37 12.16
CA PRO A 308 22.25 13.91 13.08
C PRO A 308 21.00 14.47 12.45
N ALA A 309 21.12 15.21 11.34
CA ALA A 309 19.95 15.86 10.75
C ALA A 309 18.99 14.84 10.14
N VAL A 310 19.52 13.85 9.44
CA VAL A 310 18.69 12.79 8.90
C VAL A 310 18.21 11.85 10.00
N LEU A 311 18.94 11.73 11.12
CA LEU A 311 18.39 11.02 12.27
C LEU A 311 17.19 11.76 12.88
N THR A 312 17.26 13.09 12.90
CA THR A 312 16.14 13.90 13.37
C THR A 312 14.94 13.75 12.43
N PHE A 313 15.19 13.75 11.12
CA PHE A 313 14.13 13.48 10.15
C PHE A 313 13.56 12.07 10.31
N CYS A 314 14.41 11.09 10.65
CA CYS A 314 13.96 9.73 10.88
C CYS A 314 12.99 9.64 12.06
N LEU A 315 13.37 10.23 13.20
CA LEU A 315 12.50 10.22 14.38
C LEU A 315 11.23 11.03 14.13
N LEU A 316 11.34 12.15 13.40
CA LEU A 316 10.18 12.97 13.08
C LEU A 316 9.21 12.26 12.17
N ILE A 317 9.69 11.55 11.15
CA ILE A 317 8.76 10.89 10.24
C ILE A 317 8.27 9.57 10.82
N LEU A 318 8.92 9.03 11.85
CA LEU A 318 8.30 7.94 12.59
C LEU A 318 7.16 8.45 13.47
N THR A 319 7.36 9.53 14.20
CA THR A 319 6.30 10.00 15.09
C THR A 319 5.31 10.94 14.40
N ALA A 320 5.46 11.19 13.09
CA ALA A 320 4.58 12.13 12.41
C ALA A 320 3.23 11.52 12.05
N LYS A 321 3.23 10.34 11.46
CA LYS A 321 2.04 9.82 10.80
C LYS A 321 1.11 9.08 11.77
N ILE A 322 1.37 9.17 13.08
CA ILE A 322 0.49 8.58 14.09
C ILE A 322 -0.86 9.26 14.08
N GLY A 323 -0.89 10.56 13.74
CA GLY A 323 -2.11 11.33 13.87
C GLY A 323 -3.22 10.93 12.92
N PHE A 324 -2.87 10.46 11.74
CA PHE A 324 -3.84 10.04 10.74
C PHE A 324 -3.71 8.59 10.33
N SER A 325 -2.72 7.86 10.84
CA SER A 325 -2.65 6.44 10.51
C SER A 325 -3.77 5.64 11.15
N ALA A 326 -4.32 6.13 12.26
CA ALA A 326 -5.49 5.48 12.87
C ALA A 326 -6.70 5.53 11.94
N ALA A 327 -6.99 6.71 11.38
CA ALA A 327 -8.07 6.83 10.42
C ALA A 327 -7.79 6.03 9.16
N ASP A 328 -6.59 6.21 8.58
CA ASP A 328 -6.22 5.57 7.32
C ASP A 328 -6.10 4.05 7.43
N ALA A 329 -5.97 3.51 8.64
CA ALA A 329 -5.86 2.06 8.82
C ALA A 329 -7.14 1.41 9.32
N VAL A 330 -7.94 2.09 10.13
CA VAL A 330 -9.07 1.43 10.76
C VAL A 330 -10.40 1.80 10.07
N THR A 331 -10.47 2.94 9.37
CA THR A 331 -11.74 3.41 8.81
C THR A 331 -12.25 2.49 7.70
N GLY A 332 -11.34 1.97 6.88
CA GLY A 332 -11.72 1.05 5.81
C GLY A 332 -12.27 -0.28 6.29
N LEU A 333 -12.04 -0.63 7.55
CA LEU A 333 -12.62 -1.83 8.13
C LEU A 333 -13.83 -1.54 9.01
N LYS A 334 -13.86 -0.38 9.66
CA LYS A 334 -15.06 0.01 10.41
C LYS A 334 -16.21 0.29 9.48
N LEU A 335 -15.95 0.76 8.26
CA LEU A 335 -17.02 0.88 7.28
C LEU A 335 -17.56 -0.48 6.87
N VAL A 336 -16.70 -1.50 6.80
CA VAL A 336 -17.16 -2.85 6.47
C VAL A 336 -17.99 -3.44 7.60
N GLU A 337 -17.59 -3.19 8.85
CA GLU A 337 -18.41 -3.65 9.98
C GLU A 337 -19.75 -2.94 10.03
N GLU A 338 -19.75 -1.61 10.02
CA GLU A 338 -21.02 -0.89 10.12
C GLU A 338 -21.81 -0.84 8.82
N GLY A 339 -21.36 -1.48 7.75
CA GLY A 339 -22.34 -1.88 6.75
C GLY A 339 -22.05 -1.77 5.27
N VAL A 340 -21.26 -0.80 4.83
CA VAL A 340 -21.02 -0.66 3.39
C VAL A 340 -20.09 -1.78 2.92
N PRO A 341 -20.38 -2.44 1.79
CA PRO A 341 -19.61 -3.61 1.41
C PRO A 341 -18.19 -3.27 0.95
N LYS A 342 -17.31 -4.26 1.12
CA LYS A 342 -15.91 -4.11 0.75
C LYS A 342 -15.74 -3.96 -0.75
N GLU A 343 -16.68 -4.48 -1.53
CA GLU A 343 -16.60 -4.39 -2.98
C GLU A 343 -16.84 -2.96 -3.45
N HIS A 344 -17.82 -2.30 -2.84
CA HIS A 344 -18.05 -0.88 -3.13
C HIS A 344 -16.92 -0.02 -2.58
N LEU A 345 -16.35 -0.39 -1.43
CA LEU A 345 -15.22 0.38 -0.92
C LEU A 345 -13.96 0.20 -1.77
N ALA A 346 -13.85 -0.92 -2.48
CA ALA A 346 -12.73 -1.08 -3.41
C ALA A 346 -12.99 -0.34 -4.71
N LEU A 347 -14.20 -0.45 -5.25
CA LEU A 347 -14.57 0.28 -6.48
C LEU A 347 -14.68 1.77 -6.28
N LEU A 348 -14.65 2.23 -5.02
CA LEU A 348 -14.56 3.63 -4.69
C LEU A 348 -13.22 4.26 -5.08
N ALA A 349 -12.21 3.46 -5.42
CA ALA A 349 -10.90 3.99 -5.77
C ALA A 349 -10.72 4.22 -7.26
N VAL A 350 -11.59 3.69 -8.11
CA VAL A 350 -11.49 3.90 -9.56
C VAL A 350 -11.74 5.35 -9.99
N PRO A 351 -12.47 6.24 -9.28
CA PRO A 351 -12.39 7.65 -9.70
C PRO A 351 -11.14 8.36 -9.22
N MET A 352 -10.26 7.68 -8.48
CA MET A 352 -9.11 8.40 -7.91
C MET A 352 -7.86 8.28 -8.77
N VAL A 353 -7.73 7.21 -9.56
CA VAL A 353 -6.56 7.04 -10.42
C VAL A 353 -6.47 8.08 -11.55
N PRO A 354 -7.56 8.65 -12.13
CA PRO A 354 -7.31 9.86 -12.95
C PRO A 354 -6.88 11.05 -12.12
N LEU A 355 -7.42 11.21 -10.91
CA LEU A 355 -6.95 12.27 -10.04
C LEU A 355 -5.55 11.95 -9.51
N GLN A 356 -5.19 10.67 -9.40
CA GLN A 356 -3.82 10.30 -9.09
C GLN A 356 -2.87 10.65 -10.24
N ILE A 357 -3.37 10.66 -11.48
CA ILE A 357 -2.57 11.21 -12.57
C ILE A 357 -2.46 12.73 -12.45
N ILE A 358 -3.58 13.41 -12.16
CA ILE A 358 -3.63 14.87 -12.29
C ILE A 358 -2.88 15.57 -11.15
N LEU A 359 -2.95 15.03 -9.93
CA LEU A 359 -2.45 15.75 -8.75
C LEU A 359 -0.94 16.02 -8.68
N PRO A 360 -0.03 15.11 -9.07
CA PRO A 360 1.39 15.54 -9.16
C PRO A 360 1.63 16.59 -10.22
N LEU A 361 0.84 16.63 -11.30
CA LEU A 361 0.95 17.71 -12.26
C LEU A 361 0.45 19.05 -11.72
N ILE A 362 -0.32 19.03 -10.63
CA ILE A 362 -0.70 20.26 -9.95
C ILE A 362 0.32 20.66 -8.89
N ILE A 363 0.81 19.70 -8.11
CA ILE A 363 1.68 20.00 -6.97
C ILE A 363 3.14 19.91 -7.44
N SER A 364 3.35 19.90 -8.76
CA SER A 364 4.70 20.02 -9.31
C SER A 364 5.36 21.34 -8.96
N LYS A 365 4.57 22.41 -8.78
CA LYS A 365 5.13 23.69 -8.37
C LYS A 365 5.67 23.63 -6.96
N TYR A 366 4.92 23.02 -6.03
CA TYR A 366 5.39 22.83 -4.66
C TYR A 366 6.50 21.80 -4.58
N THR A 367 6.55 20.88 -5.55
CA THR A 367 7.68 19.95 -5.65
C THR A 367 8.96 20.68 -6.04
N ALA A 368 8.90 21.47 -7.12
CA ALA A 368 10.08 22.16 -7.62
C ALA A 368 10.47 23.39 -6.80
N GLY A 369 9.60 23.85 -5.90
CA GLY A 369 9.91 24.97 -5.04
C GLY A 369 11.05 24.69 -4.08
N PRO A 370 11.65 25.75 -3.54
CA PRO A 370 12.81 25.57 -2.64
C PRO A 370 12.45 25.07 -1.25
N GLN A 371 11.16 25.08 -0.88
CA GLN A 371 10.71 24.56 0.42
C GLN A 371 9.73 23.43 0.15
N PRO A 372 10.20 22.19 -0.02
CA PRO A 372 9.30 21.09 -0.37
C PRO A 372 8.45 20.58 0.76
N LEU A 373 8.76 20.90 2.02
CA LEU A 373 7.93 20.49 3.14
C LEU A 373 6.85 21.50 3.48
N ASN A 374 6.72 22.56 2.69
CA ASN A 374 5.69 23.56 2.93
C ASN A 374 4.31 22.98 2.72
N THR A 375 4.12 22.21 1.64
CA THR A 375 2.83 21.57 1.44
C THR A 375 2.62 20.38 2.36
N PHE A 376 3.68 19.77 2.89
CA PHE A 376 3.55 18.81 3.98
C PHE A 376 2.93 19.47 5.21
N TYR A 377 3.53 20.57 5.66
CA TYR A 377 3.08 21.25 6.87
C TYR A 377 1.75 21.96 6.68
N LYS A 378 1.38 22.31 5.45
CA LYS A 378 0.07 22.90 5.21
C LYS A 378 -0.98 21.87 4.79
N ALA A 379 -0.61 20.61 4.61
CA ALA A 379 -1.57 19.54 4.40
C ALA A 379 -1.75 18.65 5.61
N MET A 380 -0.89 18.78 6.62
CA MET A 380 -1.07 18.08 7.88
C MET A 380 -2.39 18.39 8.60
N PRO A 381 -2.79 19.65 8.86
CA PRO A 381 -4.06 19.85 9.58
C PRO A 381 -5.28 19.52 8.74
N TYR A 382 -5.22 19.67 7.41
CA TYR A 382 -6.33 19.24 6.59
C TYR A 382 -6.50 17.74 6.60
N ARG A 383 -5.39 16.99 6.68
CA ARG A 383 -5.50 15.54 6.78
C ARG A 383 -6.02 15.11 8.14
N LEU A 384 -5.69 15.84 9.21
CA LEU A 384 -6.28 15.47 10.50
C LEU A 384 -7.76 15.83 10.59
N LEU A 385 -8.17 16.96 10.01
CA LEU A 385 -9.60 17.26 9.97
C LEU A 385 -10.37 16.30 9.07
N LEU A 386 -9.75 15.78 8.02
CA LEU A 386 -10.40 14.71 7.28
C LEU A 386 -10.35 13.38 8.03
N GLY A 387 -9.44 13.22 8.98
CA GLY A 387 -9.55 12.09 9.90
C GLY A 387 -10.76 12.19 10.81
N LEU A 388 -11.03 13.39 11.34
CA LEU A 388 -12.29 13.59 12.07
C LEU A 388 -13.49 13.42 11.15
N GLU A 389 -13.36 13.79 9.88
CA GLU A 389 -14.47 13.61 8.95
C GLU A 389 -14.69 12.13 8.64
N TYR A 390 -13.62 11.32 8.64
CA TYR A 390 -13.77 9.88 8.59
C TYR A 390 -14.47 9.33 9.83
N ALA A 391 -14.14 9.86 11.00
CA ALA A 391 -14.81 9.42 12.23
C ALA A 391 -16.28 9.78 12.21
N LEU A 392 -16.61 10.99 11.72
CA LEU A 392 -18.00 11.39 11.55
C LEU A 392 -18.70 10.53 10.51
N LEU A 393 -17.98 10.09 9.48
CA LEU A 393 -18.58 9.27 8.43
C LEU A 393 -18.88 7.86 8.93
N VAL A 394 -17.97 7.29 9.72
CA VAL A 394 -18.24 5.99 10.35
C VAL A 394 -19.35 6.11 11.37
N TRP A 395 -19.47 7.26 12.05
CA TRP A 395 -20.60 7.48 12.94
C TRP A 395 -21.91 7.63 12.16
N TRP A 396 -21.84 8.15 10.94
CA TRP A 396 -23.04 8.39 10.13
C TRP A 396 -23.48 7.14 9.37
N THR A 397 -22.58 6.17 9.20
CA THR A 397 -22.92 4.94 8.47
C THR A 397 -24.06 4.10 9.08
N PRO A 398 -24.18 3.85 10.40
CA PRO A 398 -25.35 3.11 10.88
C PRO A 398 -26.66 3.88 10.80
N LYS A 399 -26.60 5.20 10.66
CA LYS A 399 -27.80 6.02 10.63
C LYS A 399 -28.39 6.15 9.22
N VAL A 400 -27.86 5.43 8.24
CA VAL A 400 -28.42 5.39 6.91
C VAL A 400 -28.86 3.95 6.63
N GLU A 401 -29.87 3.81 5.79
CA GLU A 401 -30.54 2.52 5.62
C GLU A 401 -29.74 1.60 4.72
N HIS A 402 -29.57 0.36 5.16
CA HIS A 402 -28.83 -0.65 4.40
C HIS A 402 -29.73 -1.53 3.54
N GLN A 403 -31.00 -1.67 3.92
CA GLN A 403 -31.88 -2.64 3.29
C GLN A 403 -32.28 -2.18 1.89
N GLY A 404 -32.29 -3.11 0.94
CA GLY A 404 -32.69 -2.80 -0.41
C GLY A 404 -31.61 -2.06 -1.17
N GLY A 405 -32.01 -1.06 -1.95
CA GLY A 405 -31.07 -0.27 -2.70
C GLY A 405 -30.29 0.65 -1.79
N PHE A 406 -28.97 0.44 -1.69
CA PHE A 406 -28.15 1.27 -0.82
C PHE A 406 -27.97 2.64 -1.47
N PRO A 407 -28.08 3.73 -0.70
CA PRO A 407 -28.27 5.05 -1.32
C PRO A 407 -27.00 5.61 -1.94
N ILE A 408 -27.20 6.43 -2.98
CA ILE A 408 -26.09 6.97 -3.75
C ILE A 408 -25.55 8.25 -3.14
N TYR A 409 -26.34 8.93 -2.29
CA TYR A 409 -25.80 10.13 -1.65
C TYR A 409 -24.76 9.76 -0.59
N TYR A 410 -24.92 8.60 0.04
CA TYR A 410 -23.86 8.08 0.89
C TYR A 410 -22.59 7.84 0.09
N TYR A 411 -22.72 7.31 -1.13
CA TYR A 411 -21.53 7.06 -1.92
C TYR A 411 -20.89 8.34 -2.45
N ILE A 412 -21.69 9.37 -2.74
CA ILE A 412 -21.06 10.61 -3.20
C ILE A 412 -20.41 11.35 -2.01
N VAL A 413 -20.95 11.17 -0.79
CA VAL A 413 -20.32 11.75 0.39
C VAL A 413 -19.01 11.04 0.70
N VAL A 414 -19.02 9.70 0.69
CA VAL A 414 -17.79 8.97 1.00
C VAL A 414 -16.78 9.09 -0.15
N LEU A 415 -17.24 9.35 -1.38
CA LEU A 415 -16.30 9.50 -2.47
C LEU A 415 -15.65 10.89 -2.45
N LEU A 416 -16.42 11.94 -2.12
CA LEU A 416 -15.78 13.24 -1.93
C LEU A 416 -14.87 13.24 -0.69
N SER A 417 -15.25 12.48 0.33
CA SER A 417 -14.43 12.35 1.53
C SER A 417 -13.10 11.68 1.23
N TYR A 418 -13.15 10.52 0.57
CA TYR A 418 -11.94 9.82 0.17
C TYR A 418 -11.17 10.59 -0.89
N ALA A 419 -11.86 11.41 -1.70
CA ALA A 419 -11.16 12.20 -2.71
C ALA A 419 -10.34 13.30 -2.08
N LEU A 420 -10.92 14.08 -1.16
CA LEU A 420 -10.15 15.11 -0.46
C LEU A 420 -9.07 14.49 0.43
N HIS A 421 -9.37 13.34 1.04
CA HIS A 421 -8.36 12.69 1.87
C HIS A 421 -7.21 12.16 1.03
N GLN A 422 -7.47 11.66 -0.17
CA GLN A 422 -6.35 11.23 -0.99
C GLN A 422 -5.67 12.39 -1.70
N VAL A 423 -6.35 13.53 -1.85
CA VAL A 423 -5.67 14.76 -2.27
C VAL A 423 -4.61 15.13 -1.26
N THR A 424 -4.97 15.13 0.03
CA THR A 424 -3.95 15.49 1.02
C THR A 424 -2.94 14.37 1.25
N VAL A 425 -3.32 13.10 1.04
CA VAL A 425 -2.34 11.99 1.06
C VAL A 425 -1.32 12.16 -0.06
N TYR A 426 -1.78 12.44 -1.28
CA TYR A 426 -0.88 12.53 -2.42
C TYR A 426 -0.03 13.78 -2.37
N SER A 427 -0.57 14.88 -1.82
CA SER A 427 0.24 16.08 -1.64
C SER A 427 1.31 15.86 -0.57
N MET A 428 0.96 15.16 0.52
CA MET A 428 1.93 14.82 1.55
C MET A 428 3.01 13.88 1.03
N TYR A 429 2.61 12.90 0.21
CA TYR A 429 3.56 11.95 -0.35
C TYR A 429 4.50 12.61 -1.35
N VAL A 430 3.97 13.49 -2.21
CA VAL A 430 4.85 14.17 -3.16
C VAL A 430 5.69 15.21 -2.46
N SER A 431 5.27 15.70 -1.29
CA SER A 431 6.12 16.57 -0.49
C SER A 431 7.30 15.78 0.09
N ILE A 432 7.05 14.56 0.56
CA ILE A 432 8.14 13.73 1.07
C ILE A 432 9.10 13.35 -0.05
N MET A 433 8.58 13.02 -1.24
CA MET A 433 9.44 12.69 -2.37
C MET A 433 10.25 13.91 -2.84
N ALA A 434 9.64 15.09 -2.80
CA ALA A 434 10.35 16.31 -3.18
C ALA A 434 11.41 16.67 -2.15
N PHE A 435 11.14 16.41 -0.86
CA PHE A 435 12.16 16.62 0.16
C PHE A 435 13.33 15.68 -0.01
N ASN A 436 13.04 14.43 -0.41
CA ASN A 436 14.13 13.48 -0.60
C ASN A 436 14.96 13.82 -1.83
N ALA A 437 14.30 14.30 -2.89
CA ALA A 437 15.03 14.77 -4.07
C ALA A 437 15.81 16.05 -3.77
N LYS A 438 15.32 16.87 -2.83
CA LYS A 438 16.05 18.06 -2.44
C LYS A 438 17.29 17.72 -1.63
N VAL A 439 17.19 16.76 -0.72
CA VAL A 439 18.28 16.50 0.21
C VAL A 439 19.31 15.50 -0.34
N SER A 440 18.88 14.51 -1.11
CA SER A 440 19.77 13.42 -1.54
C SER A 440 20.85 13.91 -2.49
N ASP A 441 22.11 13.79 -2.05
CA ASP A 441 23.25 14.18 -2.86
C ASP A 441 23.45 13.20 -4.00
N PRO A 442 24.01 13.65 -5.14
CA PRO A 442 24.20 12.74 -6.28
C PRO A 442 25.27 11.69 -6.08
N LEU A 443 26.01 11.69 -4.96
CA LEU A 443 27.02 10.67 -4.72
C LEU A 443 26.36 9.34 -4.38
N ILE A 444 25.63 9.29 -3.26
CA ILE A 444 24.99 8.06 -2.81
C ILE A 444 23.49 8.33 -2.82
N GLY A 445 23.05 9.12 -3.81
CA GLY A 445 21.64 9.49 -3.89
C GLY A 445 20.73 8.31 -4.18
N GLY A 446 21.19 7.36 -5.00
CA GLY A 446 20.39 6.20 -5.34
C GLY A 446 20.13 5.24 -4.19
N THR A 447 20.86 5.39 -3.08
CA THR A 447 20.59 4.67 -1.85
C THR A 447 19.89 5.56 -0.82
N TYR A 448 20.30 6.83 -0.72
CA TYR A 448 19.78 7.72 0.32
C TYR A 448 18.33 8.12 0.05
N MET A 449 17.98 8.30 -1.24
CA MET A 449 16.61 8.53 -1.67
C MET A 449 15.66 7.45 -1.17
N THR A 450 15.93 6.21 -1.54
CA THR A 450 15.08 5.12 -1.12
C THR A 450 15.25 4.77 0.35
N LEU A 451 16.31 5.22 1.02
CA LEU A 451 16.38 5.11 2.48
C LEU A 451 15.36 6.02 3.15
N LEU A 452 15.28 7.27 2.71
CA LEU A 452 14.28 8.17 3.28
C LEU A 452 12.86 7.75 2.87
N ASN A 453 12.71 7.17 1.68
CA ASN A 453 11.42 6.60 1.30
C ASN A 453 11.05 5.41 2.19
N THR A 454 12.04 4.56 2.50
CA THR A 454 11.83 3.42 3.39
C THR A 454 11.45 3.86 4.78
N VAL A 455 12.11 4.89 5.31
CA VAL A 455 11.82 5.28 6.68
C VAL A 455 10.51 6.06 6.76
N SER A 456 10.12 6.78 5.70
CA SER A 456 8.81 7.42 5.68
C SER A 456 7.70 6.39 5.58
N ASN A 457 7.92 5.32 4.82
CA ASN A 457 6.90 4.29 4.71
C ASN A 457 6.84 3.42 5.97
N LEU A 458 7.97 3.25 6.67
CA LEU A 458 7.94 2.59 7.97
C LEU A 458 7.16 3.43 8.97
N GLY A 459 7.38 4.75 8.96
CA GLY A 459 6.61 5.64 9.82
C GLY A 459 5.14 5.75 9.42
N GLY A 460 4.80 5.37 8.20
CA GLY A 460 3.41 5.28 7.81
C GLY A 460 2.76 3.96 8.20
N ASN A 461 3.51 2.87 8.18
CA ASN A 461 2.92 1.55 8.40
C ASN A 461 3.04 1.03 9.82
N TRP A 462 3.90 1.60 10.68
CA TRP A 462 3.85 1.10 12.05
C TRP A 462 2.67 1.64 12.88
N PRO A 463 2.20 2.90 12.78
CA PRO A 463 1.01 3.25 13.56
C PRO A 463 -0.27 2.67 13.00
N SER A 464 -0.26 2.16 11.77
CA SER A 464 -1.34 1.31 11.29
C SER A 464 -1.51 0.07 12.17
N THR A 465 -0.41 -0.62 12.43
CA THR A 465 -0.45 -1.82 13.26
C THR A 465 -0.74 -1.48 14.71
N VAL A 466 -0.15 -0.39 15.22
CA VAL A 466 -0.44 0.02 16.61
C VAL A 466 -1.90 0.48 16.74
N ALA A 467 -2.45 1.09 15.69
CA ALA A 467 -3.85 1.51 15.70
C ALA A 467 -4.79 0.32 15.71
N LEU A 468 -4.56 -0.64 14.80
CA LEU A 468 -5.39 -1.84 14.76
C LEU A 468 -5.22 -2.72 16.00
N TRP A 469 -4.07 -2.63 16.69
CA TRP A 469 -3.94 -3.36 17.95
C TRP A 469 -4.66 -2.64 19.08
N LEU A 470 -4.70 -1.31 19.05
CA LEU A 470 -5.37 -0.55 20.09
C LEU A 470 -6.85 -0.32 19.81
N VAL A 471 -7.40 -0.88 18.72
CA VAL A 471 -8.85 -0.86 18.52
C VAL A 471 -9.56 -1.57 19.67
N ASP A 472 -9.21 -2.84 19.89
CA ASP A 472 -9.92 -3.71 20.84
C ASP A 472 -9.83 -3.36 22.32
N PRO A 473 -8.71 -2.88 22.89
CA PRO A 473 -8.77 -2.45 24.30
C PRO A 473 -9.54 -1.17 24.52
N LEU A 474 -9.86 -0.40 23.48
CA LEU A 474 -10.59 0.84 23.63
C LEU A 474 -12.10 0.69 23.44
N THR A 475 -12.58 -0.49 23.07
CA THR A 475 -14.02 -0.73 22.96
C THR A 475 -14.58 -0.95 24.36
N VAL A 476 -15.22 0.06 24.91
CA VAL A 476 -15.75 -0.03 26.27
C VAL A 476 -17.03 -0.87 26.27
N THR A 505 -21.16 -3.74 21.99
CA THR A 505 -20.40 -2.51 21.76
C THR A 505 -21.21 -1.30 22.22
N ALA A 506 -20.98 -0.86 23.45
CA ALA A 506 -21.66 0.32 23.97
C ALA A 506 -20.97 1.59 23.49
N LEU A 507 -19.71 1.78 23.88
CA LEU A 507 -18.87 2.84 23.34
C LEU A 507 -17.81 2.19 22.45
N ASP A 508 -17.82 2.56 21.17
CA ASP A 508 -16.93 1.94 20.21
C ASP A 508 -15.51 2.44 20.42
N GLY A 509 -14.54 1.61 20.04
CA GLY A 509 -13.16 1.95 20.24
C GLY A 509 -12.57 2.81 19.16
N TYR A 510 -13.12 2.74 17.94
CA TYR A 510 -12.59 3.52 16.83
C TYR A 510 -12.74 5.01 17.03
N TYR A 511 -13.83 5.46 17.66
CA TYR A 511 -14.03 6.90 17.81
C TYR A 511 -13.11 7.47 18.88
N VAL A 512 -12.97 6.78 20.02
CA VAL A 512 -12.06 7.26 21.06
C VAL A 512 -10.61 7.13 20.59
N GLU A 513 -10.32 6.13 19.75
CA GLU A 513 -9.00 6.02 19.15
C GLU A 513 -8.73 7.14 18.17
N SER A 514 -9.75 7.53 17.39
CA SER A 514 -9.56 8.62 16.43
C SER A 514 -9.38 9.95 17.14
N ILE A 515 -10.10 10.18 18.24
CA ILE A 515 -9.93 11.40 19.02
C ILE A 515 -8.55 11.45 19.68
N ILE A 516 -8.10 10.33 20.26
CA ILE A 516 -6.79 10.30 20.90
C ILE A 516 -5.67 10.44 19.86
N CYS A 517 -5.81 9.81 18.69
CA CYS A 517 -4.76 9.92 17.69
C CYS A 517 -4.77 11.29 17.02
N VAL A 518 -5.92 11.95 16.91
CA VAL A 518 -5.92 13.33 16.44
C VAL A 518 -5.26 14.26 17.46
N PHE A 519 -5.45 13.99 18.75
CA PHE A 519 -4.72 14.76 19.76
C PHE A 519 -3.22 14.50 19.69
N ILE A 520 -2.82 13.26 19.36
CA ILE A 520 -1.40 12.96 19.14
C ILE A 520 -0.88 13.68 17.90
N GLY A 521 -1.69 13.77 16.85
CA GLY A 521 -1.24 14.41 15.62
C GLY A 521 -1.13 15.92 15.74
N PHE A 522 -2.10 16.56 16.39
CA PHE A 522 -1.97 18.00 16.65
C PHE A 522 -0.93 18.31 17.71
N GLY A 523 -0.67 17.37 18.63
CA GLY A 523 0.47 17.54 19.51
C GLY A 523 1.77 17.50 18.76
N TRP A 524 1.91 16.56 17.81
CA TRP A 524 3.04 16.52 16.90
C TRP A 524 3.16 17.82 16.10
N TRP A 525 2.03 18.33 15.62
CA TRP A 525 2.01 19.53 14.80
C TRP A 525 2.49 20.74 15.59
N PHE A 526 1.79 21.05 16.69
CA PHE A 526 2.10 22.23 17.49
C PHE A 526 3.43 22.10 18.23
N PHE A 527 3.97 20.90 18.42
CA PHE A 527 5.24 20.77 19.10
C PHE A 527 6.44 20.63 18.17
N LEU A 528 6.25 20.10 16.95
CA LEU A 528 7.37 19.76 16.08
C LEU A 528 7.18 20.31 14.67
N GLY A 529 6.31 21.30 14.50
CA GLY A 529 6.17 21.99 13.24
C GLY A 529 7.40 22.76 12.79
N PRO A 530 7.84 23.75 13.58
CA PRO A 530 9.04 24.53 13.19
C PRO A 530 10.32 23.72 13.10
N LYS A 531 10.46 22.64 13.89
CA LYS A 531 11.65 21.79 13.75
C LYS A 531 11.62 21.05 12.42
N PHE A 532 10.48 20.49 12.05
CA PHE A 532 10.38 19.77 10.79
C PHE A 532 10.41 20.72 9.59
N LYS A 533 10.06 21.98 9.79
CA LYS A 533 10.19 22.99 8.75
C LYS A 533 11.62 23.49 8.62
N LYS A 534 12.38 23.51 9.71
CA LYS A 534 13.79 23.91 9.64
C LYS A 534 14.72 22.76 9.27
N LEU A 535 14.22 21.51 9.23
CA LEU A 535 15.07 20.41 8.78
C LEU A 535 15.39 20.47 7.29
N GLN A 536 14.67 21.24 6.49
CA GLN A 536 14.92 21.33 5.06
C GLN A 536 15.97 22.38 4.71
N ASP A 537 16.63 22.96 5.70
CA ASP A 537 17.66 23.96 5.46
C ASP A 537 18.98 23.56 6.10
#